data_4P8W
#
_entry.id   4P8W
#
_cell.length_a   71.354
_cell.length_b   71.354
_cell.length_c   140.528
_cell.angle_alpha   90.00
_cell.angle_beta   90.00
_cell.angle_gamma   90.00
#
_symmetry.space_group_name_H-M   'P 41 21 2'
#
loop_
_entity.id
_entity.type
_entity.pdbx_description
1 polymer 'Chitinase-3-like protein 2'
2 branched 2-acetamido-2-deoxy-beta-D-glucopyranose-(1-4)-2-acetamido-2-deoxy-beta-D-glucopyranose-(1-4)-2-acetamido-2-deoxy-beta-D-glucopyranose-(1-4)-2-acetamido-2-deoxy-alpha-D-glucopyranose
3 non-polymer 'SULFATE ION'
4 water water
#
_entity_poly.entity_id   1
_entity_poly.type   'polypeptide(L)'
_entity_poly.pdbx_seq_one_letter_code
;AMADIGSYKLVCYFTNWSQDRQEPGKFTPENIDPFLCSHLIYSFASIENNKVIIKDKSEVMLYQTINSLKTKNPKLKILL
SIGGYLFGSKGFHPMVDSSTSRLEFINSIILFLRNHNFDGLDVSWIYPDQKENTHFTVLIHELAEAFQKDFTKSTKERLL
LTVGVSAGRQMIDNSYQVEKLAKDLDFINLLSFDFHGSWEKPLITGHNSPLSKGWQDRGPSSYYNVEYAVGYWIHKGMPS
EKVVMGIPTYGHSFTLASAETTVGAPASGPGAAGPITESSGFLAYYEICQFLKGAKITWLQDQQVPYAVKGNQWVGYDDV
KSMETKVQFLKNLNLGGAMIWSIDMDDFTGKSCNQGPYPLVQAVKRSLGSL
;
_entity_poly.pdbx_strand_id   A
#
loop_
_chem_comp.id
_chem_comp.type
_chem_comp.name
_chem_comp.formula
NAG D-saccharide, beta linking 2-acetamido-2-deoxy-beta-D-glucopyranose 'C8 H15 N O6'
NDG D-saccharide, alpha linking 2-acetamido-2-deoxy-alpha-D-glucopyranose 'C8 H15 N O6'
SO4 non-polymer 'SULFATE ION' 'O4 S -2'
#
# COMPACT_ATOMS: atom_id res chain seq x y z
N TYR A 8 -0.27 5.21 17.51
CA TYR A 8 -0.24 5.13 16.02
C TYR A 8 -0.02 3.69 15.56
N LYS A 9 -0.59 3.36 14.41
CA LYS A 9 -0.36 2.07 13.77
C LYS A 9 0.75 2.21 12.78
N LEU A 10 1.54 1.17 12.62
CA LEU A 10 2.40 1.07 11.45
C LEU A 10 2.03 -0.21 10.70
N VAL A 11 1.33 -0.05 9.59
CA VAL A 11 0.72 -1.17 8.88
C VAL A 11 1.57 -1.52 7.67
N CYS A 12 2.08 -2.75 7.63
CA CYS A 12 3.06 -3.12 6.63
C CYS A 12 2.63 -4.24 5.68
N TYR A 13 2.37 -3.88 4.44
CA TYR A 13 2.16 -4.86 3.38
C TYR A 13 3.47 -5.52 2.99
N PHE A 14 3.45 -6.84 2.82
CA PHE A 14 4.50 -7.54 2.09
C PHE A 14 3.84 -8.41 1.04
N THR A 15 4.64 -8.88 0.11
CA THR A 15 4.12 -9.58 -1.08
C THR A 15 4.68 -10.97 -1.28
N ASN A 16 3.94 -11.80 -2.01
CA ASN A 16 4.34 -13.16 -2.23
C ASN A 16 5.11 -13.40 -3.54
N TRP A 17 5.37 -12.32 -4.29
CA TRP A 17 6.16 -12.42 -5.51
C TRP A 17 7.60 -11.95 -5.32
N SER A 18 7.90 -11.29 -4.21
CA SER A 18 9.25 -10.80 -4.00
C SER A 18 10.25 -11.93 -3.74
N GLN A 19 9.76 -13.11 -3.35
CA GLN A 19 10.62 -14.27 -3.11
C GLN A 19 11.33 -14.76 -4.38
N ASP A 20 10.80 -14.39 -5.53
CA ASP A 20 11.39 -14.83 -6.81
C ASP A 20 12.47 -13.89 -7.32
N ARG A 21 12.75 -12.80 -6.61
CA ARG A 21 13.72 -11.83 -7.07
C ARG A 21 15.10 -12.30 -6.66
N GLN A 22 16.13 -11.81 -7.34
CA GLN A 22 17.50 -12.02 -6.88
C GLN A 22 17.82 -11.01 -5.80
N GLU A 23 18.86 -11.29 -5.01
CA GLU A 23 19.39 -10.36 -4.04
C GLU A 23 19.80 -9.05 -4.72
N PRO A 24 19.64 -7.93 -4.05
CA PRO A 24 19.17 -7.77 -2.67
C PRO A 24 17.64 -7.59 -2.53
N GLY A 25 16.88 -8.13 -3.49
CA GLY A 25 15.43 -8.02 -3.42
C GLY A 25 14.71 -9.31 -3.11
N LYS A 26 15.45 -10.37 -2.80
CA LYS A 26 14.87 -11.69 -2.57
C LYS A 26 14.33 -11.75 -1.15
N PHE A 27 13.02 -11.58 -1.01
CA PHE A 27 12.36 -11.43 0.28
C PHE A 27 11.49 -12.63 0.57
N THR A 28 11.52 -13.11 1.80
CA THR A 28 10.54 -14.06 2.30
C THR A 28 10.07 -13.56 3.66
N PRO A 29 8.96 -14.08 4.16
CA PRO A 29 8.49 -13.67 5.48
C PRO A 29 9.53 -13.80 6.58
N GLU A 30 10.52 -14.67 6.38
CA GLU A 30 11.63 -14.74 7.35
C GLU A 30 12.50 -13.47 7.39
N ASN A 31 12.40 -12.64 6.38
CA ASN A 31 13.06 -11.33 6.43
C ASN A 31 12.34 -10.32 7.30
N ILE A 32 11.18 -10.70 7.84
CA ILE A 32 10.35 -9.76 8.61
C ILE A 32 10.87 -9.63 10.02
N ASP A 33 11.05 -8.40 10.45
CA ASP A 33 11.38 -8.04 11.83
C ASP A 33 10.05 -7.99 12.61
N PRO A 34 9.86 -8.88 13.60
CA PRO A 34 8.55 -8.93 14.29
C PRO A 34 8.20 -7.67 15.09
N PHE A 35 9.20 -6.85 15.38
CA PHE A 35 8.96 -5.60 16.06
C PHE A 35 8.97 -4.36 15.17
N LEU A 36 9.14 -4.56 13.87
CA LEU A 36 9.20 -3.42 12.98
C LEU A 36 7.84 -2.70 12.92
N CYS A 37 6.76 -3.46 12.74
CA CYS A 37 5.44 -2.89 12.42
C CYS A 37 4.43 -3.33 13.50
N SER A 38 3.29 -2.65 13.54
CA SER A 38 2.20 -3.06 14.44
C SER A 38 1.33 -4.10 13.74
N HIS A 39 1.20 -4.00 12.42
CA HIS A 39 0.37 -4.90 11.65
C HIS A 39 1.15 -5.29 10.42
N LEU A 40 1.06 -6.57 10.05
CA LEU A 40 1.60 -7.03 8.77
C LEU A 40 0.47 -7.51 7.90
N ILE A 41 0.57 -7.32 6.58
CA ILE A 41 -0.48 -7.76 5.68
C ILE A 41 0.08 -8.52 4.49
N TYR A 42 -0.30 -9.79 4.37
CA TYR A 42 0.15 -10.62 3.27
C TYR A 42 -0.62 -10.32 1.99
N SER A 43 0.11 -10.18 0.87
CA SER A 43 -0.45 -9.81 -0.38
C SER A 43 -0.04 -10.82 -1.45
N PHE A 44 -0.99 -11.45 -2.13
CA PHE A 44 -2.42 -11.44 -1.85
C PHE A 44 -2.95 -12.90 -1.88
N ALA A 45 -4.07 -13.12 -1.23
CA ALA A 45 -4.81 -14.36 -1.30
C ALA A 45 -5.61 -14.41 -2.61
N SER A 46 -6.16 -15.58 -2.94
CA SER A 46 -6.98 -15.73 -4.12
C SER A 46 -8.38 -16.24 -3.75
N ILE A 47 -9.22 -16.38 -4.77
CA ILE A 47 -10.56 -16.92 -4.62
C ILE A 47 -10.77 -17.97 -5.68
N GLU A 48 -11.00 -19.20 -5.23
CA GLU A 48 -11.31 -20.32 -6.12
C GLU A 48 -12.58 -20.98 -5.60
N ASN A 49 -13.55 -21.19 -6.49
CA ASN A 49 -14.82 -21.80 -6.11
C ASN A 49 -15.48 -21.06 -4.94
N ASN A 50 -15.41 -19.73 -5.00
CA ASN A 50 -15.96 -18.83 -3.96
C ASN A 50 -15.38 -19.02 -2.57
N LYS A 51 -14.18 -19.61 -2.49
CA LYS A 51 -13.51 -19.78 -1.22
C LYS A 51 -12.12 -19.15 -1.26
N VAL A 52 -11.67 -18.72 -0.10
CA VAL A 52 -10.34 -18.11 0.00
C VAL A 52 -9.27 -19.18 -0.02
N ILE A 53 -8.22 -18.92 -0.78
CA ILE A 53 -7.05 -19.76 -0.74
C ILE A 53 -5.83 -18.87 -0.84
N ILE A 54 -4.67 -19.46 -0.56
CA ILE A 54 -3.40 -18.83 -0.85
C ILE A 54 -2.71 -19.60 -1.97
N LYS A 55 -2.40 -18.92 -3.08
CA LYS A 55 -1.59 -19.51 -4.16
C LYS A 55 -0.15 -19.06 -4.02
N ASP A 56 0.70 -19.91 -3.48
CA ASP A 56 2.05 -19.51 -3.12
C ASP A 56 2.82 -20.80 -2.90
N LYS A 57 3.91 -20.98 -3.64
CA LYS A 57 4.73 -22.19 -3.47
C LYS A 57 5.24 -22.32 -2.07
N SER A 58 5.30 -21.18 -1.39
CA SER A 58 5.80 -21.11 -0.04
C SER A 58 4.74 -20.98 1.02
N GLU A 59 3.52 -21.39 0.70
CA GLU A 59 2.38 -21.18 1.57
C GLU A 59 2.58 -21.77 2.94
N VAL A 60 2.96 -23.02 3.01
CA VAL A 60 3.08 -23.68 4.31
C VAL A 60 4.24 -23.16 5.18
N MET A 61 5.32 -22.73 4.55
CA MET A 61 6.36 -21.98 5.26
C MET A 61 5.86 -20.61 5.76
N LEU A 62 4.98 -19.95 5.01
CA LEU A 62 4.36 -18.73 5.51
C LEU A 62 3.69 -18.96 6.86
N TYR A 63 2.88 -20.02 6.97
CA TYR A 63 2.23 -20.32 8.25
C TYR A 63 3.20 -20.52 9.36
N GLN A 64 4.33 -21.17 9.10
CA GLN A 64 5.36 -21.33 10.13
C GLN A 64 5.90 -20.00 10.60
N THR A 65 6.19 -19.11 9.68
CA THR A 65 6.70 -17.80 10.02
C THR A 65 5.67 -16.95 10.74
N ILE A 66 4.42 -17.02 10.29
CA ILE A 66 3.35 -16.33 11.01
C ILE A 66 3.36 -16.71 12.49
N ASN A 67 3.46 -18.01 12.78
CA ASN A 67 3.44 -18.48 14.15
C ASN A 67 4.69 -18.08 14.93
N SER A 68 5.87 -18.07 14.29
CA SER A 68 7.10 -17.62 14.97
CA SER A 68 7.09 -17.63 14.98
C SER A 68 7.03 -16.15 15.29
N LEU A 69 6.60 -15.36 14.31
CA LEU A 69 6.52 -13.93 14.49
C LEU A 69 5.59 -13.54 15.63
N LYS A 70 4.44 -14.18 15.66
CA LYS A 70 3.43 -13.84 16.66
C LYS A 70 3.81 -14.37 18.04
N THR A 71 4.62 -15.41 18.08
CA THR A 71 5.19 -15.86 19.34
C THR A 71 6.20 -14.86 19.87
N LYS A 72 7.09 -14.40 18.99
CA LYS A 72 8.05 -13.34 19.36
C LYS A 72 7.40 -12.07 19.81
N ASN A 73 6.38 -11.64 19.10
CA ASN A 73 5.73 -10.42 19.45
C ASN A 73 4.24 -10.68 19.56
N PRO A 74 3.78 -11.03 20.77
CA PRO A 74 2.38 -11.31 21.06
C PRO A 74 1.42 -10.21 20.68
N LYS A 75 1.92 -9.00 20.52
CA LYS A 75 1.06 -7.90 20.09
C LYS A 75 0.92 -7.76 18.60
N LEU A 76 1.77 -8.43 17.84
CA LEU A 76 1.74 -8.29 16.42
C LEU A 76 0.47 -8.83 15.86
N LYS A 77 -0.14 -8.07 14.94
CA LYS A 77 -1.30 -8.53 14.18
C LYS A 77 -0.92 -8.83 12.72
N ILE A 78 -1.42 -9.91 12.18
CA ILE A 78 -1.13 -10.31 10.81
C ILE A 78 -2.40 -10.54 10.06
N LEU A 79 -2.63 -9.75 9.01
CA LEU A 79 -3.82 -9.87 8.20
C LEU A 79 -3.55 -10.45 6.81
N LEU A 80 -4.60 -10.99 6.22
CA LEU A 80 -4.56 -11.53 4.88
C LEU A 80 -5.22 -10.52 3.94
N SER A 81 -4.60 -10.22 2.81
CA SER A 81 -5.20 -9.32 1.81
C SER A 81 -5.68 -10.05 0.57
N ILE A 82 -6.91 -9.71 0.18
CA ILE A 82 -7.43 -10.02 -1.15
CA ILE A 82 -7.44 -10.04 -1.15
C ILE A 82 -7.61 -8.78 -2.05
N GLY A 83 -7.11 -8.87 -3.28
CA GLY A 83 -7.22 -7.78 -4.22
C GLY A 83 -5.91 -7.44 -4.88
N GLY A 84 -5.67 -6.15 -5.02
CA GLY A 84 -4.47 -5.67 -5.72
C GLY A 84 -4.81 -5.31 -7.15
N TYR A 85 -3.91 -4.58 -7.80
CA TYR A 85 -4.16 -4.07 -9.14
C TYR A 85 -4.43 -5.19 -10.15
N LEU A 86 -3.60 -6.25 -10.16
CA LEU A 86 -3.74 -7.30 -11.19
C LEU A 86 -5.04 -8.10 -11.01
N PHE A 87 -5.45 -8.32 -9.77
CA PHE A 87 -6.67 -9.06 -9.48
C PHE A 87 -7.84 -8.27 -10.05
N GLY A 88 -7.76 -6.95 -9.91
CA GLY A 88 -8.79 -6.06 -10.46
C GLY A 88 -10.18 -6.29 -9.90
N SER A 89 -11.20 -5.91 -10.67
CA SER A 89 -12.59 -6.25 -10.34
C SER A 89 -12.93 -7.69 -10.75
N LYS A 90 -12.35 -8.18 -11.84
CA LYS A 90 -12.65 -9.52 -12.37
C LYS A 90 -12.46 -10.61 -11.34
N GLY A 91 -11.42 -10.46 -10.51
CA GLY A 91 -11.10 -11.48 -9.52
C GLY A 91 -12.21 -11.70 -8.50
N PHE A 92 -12.97 -10.66 -8.20
CA PHE A 92 -14.10 -10.76 -7.26
C PHE A 92 -15.38 -11.39 -7.83
N HIS A 93 -15.38 -11.71 -9.12
CA HIS A 93 -16.48 -12.43 -9.77
C HIS A 93 -16.05 -13.86 -10.09
N PRO A 94 -16.96 -14.84 -9.91
CA PRO A 94 -18.39 -14.68 -9.62
C PRO A 94 -18.75 -14.64 -8.13
N MET A 95 -17.75 -14.54 -7.26
CA MET A 95 -18.02 -14.61 -5.84
C MET A 95 -19.04 -13.58 -5.38
N VAL A 96 -18.94 -12.36 -5.88
CA VAL A 96 -19.81 -11.30 -5.35
C VAL A 96 -21.24 -11.33 -5.94
N ASP A 97 -21.42 -12.10 -7.02
CA ASP A 97 -22.64 -12.03 -7.84
C ASP A 97 -23.91 -12.38 -7.07
N SER A 98 -23.80 -13.14 -5.99
CA SER A 98 -25.00 -13.48 -5.21
C SER A 98 -24.73 -13.67 -3.74
N SER A 99 -25.78 -13.57 -2.93
CA SER A 99 -25.62 -13.66 -1.48
C SER A 99 -25.25 -15.09 -1.11
N THR A 100 -25.63 -16.04 -1.93
CA THR A 100 -25.24 -17.43 -1.71
C THR A 100 -23.72 -17.61 -1.85
N SER A 101 -23.14 -17.05 -2.90
CA SER A 101 -21.72 -17.22 -3.17
C SER A 101 -20.90 -16.38 -2.20
N ARG A 102 -21.41 -15.20 -1.84
CA ARG A 102 -20.74 -14.33 -0.86
C ARG A 102 -20.73 -14.96 0.51
N LEU A 103 -21.80 -15.65 0.88
CA LEU A 103 -21.86 -16.37 2.16
C LEU A 103 -20.85 -17.50 2.21
N GLU A 104 -20.70 -18.19 1.09
CA GLU A 104 -19.70 -19.25 0.97
C GLU A 104 -18.32 -18.65 1.27
N PHE A 105 -18.03 -17.55 0.61
CA PHE A 105 -16.75 -16.88 0.72
C PHE A 105 -16.47 -16.45 2.15
N ILE A 106 -17.45 -15.81 2.74
CA ILE A 106 -17.33 -15.24 4.07
C ILE A 106 -17.11 -16.34 5.09
N ASN A 107 -17.83 -17.44 4.91
CA ASN A 107 -17.62 -18.58 5.80
C ASN A 107 -16.21 -19.17 5.63
N SER A 108 -15.71 -19.24 4.40
CA SER A 108 -14.38 -19.77 4.15
C SER A 108 -13.31 -18.89 4.78
N ILE A 109 -13.52 -17.58 4.70
CA ILE A 109 -12.63 -16.61 5.34
C ILE A 109 -12.47 -16.81 6.84
N ILE A 110 -13.59 -16.92 7.55
CA ILE A 110 -13.53 -17.06 9.00
C ILE A 110 -12.77 -18.32 9.38
N LEU A 111 -13.09 -19.43 8.73
CA LEU A 111 -12.41 -20.71 9.01
C LEU A 111 -10.91 -20.62 8.67
N PHE A 112 -10.58 -20.02 7.53
CA PHE A 112 -9.22 -19.95 7.06
C PHE A 112 -8.36 -19.07 7.95
N LEU A 113 -8.90 -17.90 8.31
CA LEU A 113 -8.17 -16.97 9.18
C LEU A 113 -7.95 -17.60 10.54
N ARG A 114 -8.97 -18.23 11.13
CA ARG A 114 -8.79 -18.89 12.44
C ARG A 114 -7.84 -20.05 12.34
N ASN A 115 -7.99 -20.89 11.32
CA ASN A 115 -7.11 -22.06 11.19
C ASN A 115 -5.63 -21.70 11.08
N HIS A 116 -5.34 -20.59 10.40
CA HIS A 116 -3.96 -20.20 10.12
C HIS A 116 -3.45 -19.00 10.91
N ASN A 117 -4.12 -18.70 12.02
CA ASN A 117 -3.59 -17.73 13.00
C ASN A 117 -3.48 -16.30 12.41
N PHE A 118 -4.39 -15.96 11.52
CA PHE A 118 -4.49 -14.58 11.05
C PHE A 118 -5.43 -13.81 11.95
N ASP A 119 -5.25 -12.50 11.98
CA ASP A 119 -6.02 -11.63 12.87
C ASP A 119 -7.10 -10.85 12.12
N GLY A 120 -7.11 -10.91 10.79
CA GLY A 120 -8.07 -10.15 10.02
C GLY A 120 -7.90 -10.26 8.54
N LEU A 121 -8.77 -9.55 7.83
CA LEU A 121 -8.84 -9.56 6.39
C LEU A 121 -8.72 -8.13 5.90
N ASP A 122 -7.89 -7.93 4.89
CA ASP A 122 -7.86 -6.68 4.16
C ASP A 122 -8.43 -6.92 2.76
N VAL A 123 -9.44 -6.14 2.40
CA VAL A 123 -10.00 -6.19 1.08
C VAL A 123 -9.51 -4.99 0.30
N SER A 124 -8.66 -5.21 -0.70
CA SER A 124 -8.15 -4.13 -1.49
C SER A 124 -8.60 -4.20 -2.93
N TRP A 125 -9.86 -3.82 -3.16
CA TRP A 125 -10.45 -3.94 -4.46
C TRP A 125 -9.97 -2.77 -5.30
N ILE A 126 -9.21 -3.06 -6.36
CA ILE A 126 -8.63 -2.03 -7.21
C ILE A 126 -9.25 -2.07 -8.60
N TYR A 127 -10.27 -1.25 -8.87
CA TYR A 127 -11.06 -0.48 -7.90
C TYR A 127 -12.53 -0.72 -8.26
N PRO A 128 -13.47 -0.52 -7.30
CA PRO A 128 -14.87 -0.78 -7.58
C PRO A 128 -15.42 0.10 -8.70
N ASP A 129 -15.08 1.40 -8.64
CA ASP A 129 -15.64 2.41 -9.53
C ASP A 129 -17.17 2.39 -9.44
N GLN A 130 -17.83 3.05 -10.38
CA GLN A 130 -19.28 3.09 -10.40
C GLN A 130 -19.84 1.67 -10.54
N LYS A 131 -19.33 0.90 -11.49
CA LYS A 131 -19.90 -0.42 -11.75
C LYS A 131 -19.99 -1.37 -10.55
N GLU A 132 -18.95 -1.38 -9.72
CA GLU A 132 -18.86 -2.35 -8.61
C GLU A 132 -19.06 -1.76 -7.24
N ASN A 133 -19.53 -0.52 -7.21
CA ASN A 133 -19.69 0.23 -5.96
C ASN A 133 -20.59 -0.52 -5.01
N THR A 134 -21.74 -0.97 -5.51
CA THR A 134 -22.71 -1.67 -4.68
C THR A 134 -22.14 -3.02 -4.22
N HIS A 135 -21.53 -3.75 -5.16
CA HIS A 135 -20.94 -5.06 -4.84
C HIS A 135 -19.88 -4.93 -3.75
N PHE A 136 -18.99 -3.97 -3.90
CA PHE A 136 -17.96 -3.75 -2.88
C PHE A 136 -18.61 -3.37 -1.54
N THR A 137 -19.61 -2.48 -1.55
CA THR A 137 -20.25 -2.02 -0.30
C THR A 137 -20.89 -3.15 0.49
N VAL A 138 -21.57 -4.05 -0.22
CA VAL A 138 -22.29 -5.15 0.40
C VAL A 138 -21.31 -6.21 0.90
N LEU A 139 -20.27 -6.47 0.12
CA LEU A 139 -19.27 -7.43 0.54
C LEU A 139 -18.67 -7.06 1.88
N ILE A 140 -18.22 -5.82 1.98
CA ILE A 140 -17.66 -5.29 3.21
C ILE A 140 -18.65 -5.36 4.36
N HIS A 141 -19.89 -4.99 4.08
CA HIS A 141 -20.90 -4.98 5.14
C HIS A 141 -21.18 -6.39 5.64
N GLU A 142 -21.30 -7.31 4.70
CA GLU A 142 -21.55 -8.71 5.07
C GLU A 142 -20.37 -9.28 5.84
N LEU A 143 -19.14 -8.93 5.43
CA LEU A 143 -17.96 -9.36 6.16
C LEU A 143 -17.98 -8.79 7.58
N ALA A 144 -18.22 -7.49 7.69
CA ALA A 144 -18.28 -6.83 9.00
C ALA A 144 -19.23 -7.54 9.99
N GLU A 145 -20.47 -7.77 9.53
CA GLU A 145 -21.49 -8.45 10.33
C GLU A 145 -21.07 -9.85 10.73
N ALA A 146 -20.58 -10.62 9.76
CA ALA A 146 -20.16 -11.99 10.07
C ALA A 146 -19.05 -12.03 11.09
N PHE A 147 -18.07 -11.13 10.94
CA PHE A 147 -16.97 -11.04 11.90
C PHE A 147 -17.52 -10.69 13.28
N GLN A 148 -18.45 -9.76 13.32
CA GLN A 148 -19.05 -9.37 14.59
C GLN A 148 -19.80 -10.56 15.20
N LYS A 149 -20.63 -11.21 14.41
CA LYS A 149 -21.32 -12.44 14.82
C LYS A 149 -20.36 -13.48 15.37
N ASP A 150 -19.33 -13.80 14.60
CA ASP A 150 -18.30 -14.71 15.05
C ASP A 150 -17.75 -14.35 16.42
N PHE A 151 -17.51 -13.06 16.63
CA PHE A 151 -16.95 -12.57 17.89
C PHE A 151 -17.87 -12.80 19.10
N THR A 152 -19.16 -12.58 18.90
CA THR A 152 -20.16 -12.83 19.96
C THR A 152 -20.16 -14.27 20.41
N LYS A 153 -19.68 -15.17 19.56
CA LYS A 153 -19.64 -16.58 19.87
C LYS A 153 -18.26 -17.06 20.31
N SER A 154 -17.26 -16.21 20.17
CA SER A 154 -15.86 -16.65 20.28
C SER A 154 -15.22 -16.23 21.60
N THR A 155 -14.07 -16.84 21.88
CA THR A 155 -13.20 -16.44 23.00
C THR A 155 -11.96 -15.67 22.51
N LYS A 156 -11.79 -15.62 21.19
CA LYS A 156 -10.70 -14.90 20.56
C LYS A 156 -11.19 -13.52 20.16
N GLU A 157 -10.26 -12.64 19.83
CA GLU A 157 -10.58 -11.30 19.37
C GLU A 157 -11.40 -11.34 18.12
N ARG A 158 -12.18 -10.28 17.92
CA ARG A 158 -12.90 -10.13 16.67
C ARG A 158 -11.90 -10.04 15.52
N LEU A 159 -12.18 -10.72 14.41
CA LEU A 159 -11.38 -10.55 13.21
C LEU A 159 -11.46 -9.11 12.70
N LEU A 160 -10.31 -8.55 12.36
CA LEU A 160 -10.25 -7.17 11.90
C LEU A 160 -10.63 -7.12 10.46
N LEU A 161 -11.16 -5.99 10.03
CA LEU A 161 -11.49 -5.80 8.65
C LEU A 161 -11.00 -4.46 8.16
N THR A 162 -10.17 -4.48 7.13
CA THR A 162 -9.61 -3.27 6.60
C THR A 162 -9.76 -3.27 5.11
N VAL A 163 -9.47 -2.14 4.49
CA VAL A 163 -9.51 -2.05 3.04
C VAL A 163 -8.48 -1.06 2.51
N GLY A 164 -7.78 -1.47 1.46
CA GLY A 164 -6.93 -0.59 0.69
C GLY A 164 -7.83 0.17 -0.26
N VAL A 165 -7.76 1.49 -0.20
CA VAL A 165 -8.71 2.36 -0.91
C VAL A 165 -8.01 3.43 -1.72
N SER A 166 -8.65 3.86 -2.80
CA SER A 166 -8.11 4.87 -3.70
C SER A 166 -7.90 6.21 -2.99
N ALA A 167 -6.85 6.92 -3.41
CA ALA A 167 -6.57 8.26 -2.92
C ALA A 167 -6.97 9.32 -3.96
N GLY A 168 -7.58 8.88 -5.05
CA GLY A 168 -7.98 9.78 -6.14
C GLY A 168 -9.43 10.21 -6.02
N ARG A 169 -9.67 11.52 -5.95
CA ARG A 169 -11.01 12.05 -5.66
C ARG A 169 -12.11 11.50 -6.57
N GLN A 170 -11.87 11.36 -7.86
CA GLN A 170 -12.95 10.90 -8.71
C GLN A 170 -13.26 9.45 -8.46
N MET A 171 -12.23 8.62 -8.36
CA MET A 171 -12.39 7.21 -8.10
C MET A 171 -13.05 6.99 -6.73
N ILE A 172 -12.76 7.86 -5.77
CA ILE A 172 -13.36 7.76 -4.45
C ILE A 172 -14.87 8.03 -4.52
N ASP A 173 -15.24 9.12 -5.19
CA ASP A 173 -16.65 9.49 -5.37
C ASP A 173 -17.44 8.34 -6.02
N ASN A 174 -16.90 7.79 -7.09
CA ASN A 174 -17.52 6.68 -7.83
C ASN A 174 -17.62 5.33 -7.09
N SER A 175 -16.60 4.98 -6.30
CA SER A 175 -16.47 3.62 -5.75
C SER A 175 -17.08 3.40 -4.37
N TYR A 176 -17.07 4.42 -3.52
CA TYR A 176 -17.27 4.20 -2.10
C TYR A 176 -18.47 4.90 -1.55
N GLN A 177 -19.07 4.23 -0.57
CA GLN A 177 -20.09 4.81 0.27
C GLN A 177 -19.42 4.96 1.61
N VAL A 178 -18.82 6.13 1.81
CA VAL A 178 -17.83 6.32 2.88
C VAL A 178 -18.39 6.19 4.30
N GLU A 179 -19.56 6.74 4.57
CA GLU A 179 -20.06 6.70 5.94
C GLU A 179 -20.30 5.28 6.41
N LYS A 180 -20.84 4.48 5.49
CA LYS A 180 -21.07 3.06 5.72
C LYS A 180 -19.73 2.36 5.97
N LEU A 181 -18.74 2.69 5.14
CA LEU A 181 -17.40 2.12 5.23
C LEU A 181 -16.78 2.38 6.58
N ALA A 182 -16.94 3.62 7.05
CA ALA A 182 -16.48 3.99 8.38
C ALA A 182 -17.04 3.12 9.50
N LYS A 183 -18.29 2.67 9.35
CA LYS A 183 -18.89 1.81 10.36
C LYS A 183 -18.37 0.38 10.26
N ASP A 184 -18.18 -0.07 9.04
CA ASP A 184 -17.85 -1.48 8.77
C ASP A 184 -16.35 -1.83 8.91
N LEU A 185 -15.47 -0.89 8.57
CA LEU A 185 -14.01 -1.11 8.62
C LEU A 185 -13.40 -0.71 9.94
N ASP A 186 -12.41 -1.48 10.39
CA ASP A 186 -11.59 -1.05 11.50
C ASP A 186 -10.69 0.12 11.09
N PHE A 187 -10.16 0.10 9.87
CA PHE A 187 -9.50 1.27 9.31
C PHE A 187 -9.33 1.16 7.82
N ILE A 188 -9.04 2.27 7.15
CA ILE A 188 -8.68 2.20 5.74
C ILE A 188 -7.16 2.25 5.62
N ASN A 189 -6.66 1.62 4.59
CA ASN A 189 -5.27 1.71 4.22
C ASN A 189 -5.28 2.57 3.01
N LEU A 190 -5.04 3.87 3.20
CA LEU A 190 -5.15 4.80 2.08
C LEU A 190 -4.00 4.59 1.10
N LEU A 191 -4.32 4.29 -0.15
CA LEU A 191 -3.34 4.03 -1.17
C LEU A 191 -2.77 5.33 -1.79
N SER A 192 -2.12 6.13 -0.94
CA SER A 192 -1.75 7.50 -1.26
C SER A 192 -0.44 7.53 -2.02
N PHE A 193 -0.51 6.98 -3.22
CA PHE A 193 0.61 6.86 -4.14
C PHE A 193 0.04 6.49 -5.52
N ASP A 194 0.92 6.34 -6.49
CA ASP A 194 0.54 6.21 -7.91
C ASP A 194 -0.30 7.42 -8.36
N PHE A 195 0.04 8.60 -7.84
CA PHE A 195 -0.63 9.81 -8.27
C PHE A 195 -0.18 10.16 -9.69
N HIS A 196 1.08 9.87 -9.99
CA HIS A 196 1.65 10.11 -11.31
C HIS A 196 2.50 8.95 -11.75
N GLY A 197 2.70 8.86 -13.06
CA GLY A 197 3.41 7.73 -13.63
C GLY A 197 3.30 7.65 -15.14
N SER A 198 4.05 6.73 -15.70
CA SER A 198 4.24 6.68 -17.17
C SER A 198 3.02 6.19 -17.97
N TRP A 199 1.88 6.06 -17.29
CA TRP A 199 0.60 5.76 -17.93
C TRP A 199 -0.13 7.05 -18.27
N GLU A 200 0.36 8.17 -17.77
CA GLU A 200 -0.36 9.42 -17.96
C GLU A 200 -0.27 9.96 -19.40
N LYS A 201 -1.32 10.66 -19.80
CA LYS A 201 -1.39 11.34 -21.09
C LYS A 201 -1.96 12.72 -20.83
N PRO A 202 -1.21 13.77 -21.19
CA PRO A 202 0.11 13.72 -21.85
C PRO A 202 1.18 13.06 -20.98
N LEU A 203 2.19 12.51 -21.65
CA LEU A 203 3.23 11.75 -20.99
C LEU A 203 4.35 12.69 -20.50
N ILE A 204 4.19 13.14 -19.27
CA ILE A 204 5.13 14.09 -18.65
C ILE A 204 5.56 13.54 -17.28
N THR A 205 6.69 14.01 -16.77
CA THR A 205 7.16 13.55 -15.46
C THR A 205 6.29 14.11 -14.35
N GLY A 206 6.14 13.33 -13.29
CA GLY A 206 5.28 13.66 -12.17
C GLY A 206 5.66 12.71 -11.04
N HIS A 207 5.49 13.15 -9.78
CA HIS A 207 5.96 12.37 -8.64
C HIS A 207 4.92 11.33 -8.24
N ASN A 208 5.38 10.13 -7.94
CA ASN A 208 4.53 9.01 -7.52
C ASN A 208 3.59 9.38 -6.35
N SER A 209 4.11 10.17 -5.42
CA SER A 209 3.45 10.38 -4.15
C SER A 209 3.84 11.70 -3.52
N PRO A 210 3.43 12.82 -4.13
CA PRO A 210 3.67 14.11 -3.51
C PRO A 210 2.77 14.35 -2.29
N LEU A 211 3.36 14.93 -1.25
CA LEU A 211 2.60 15.29 -0.07
C LEU A 211 1.65 16.41 -0.40
N SER A 212 2.15 17.39 -1.14
CA SER A 212 1.38 18.61 -1.36
C SER A 212 1.32 18.95 -2.85
N LYS A 213 0.38 19.84 -3.17
CA LYS A 213 0.15 20.31 -4.52
C LYS A 213 1.39 20.95 -5.16
N GLY A 214 1.59 20.69 -6.44
CA GLY A 214 2.70 21.24 -7.22
C GLY A 214 2.34 22.67 -7.61
N TRP A 215 3.35 23.52 -7.79
CA TRP A 215 3.11 24.91 -8.25
C TRP A 215 2.39 24.98 -9.60
N GLN A 216 2.57 23.96 -10.43
CA GLN A 216 1.88 23.93 -11.74
C GLN A 216 0.45 23.37 -11.67
N ASP A 217 0.06 22.81 -10.51
CA ASP A 217 -1.27 22.23 -10.35
C ASP A 217 -2.33 23.25 -10.04
N ARG A 218 -3.44 23.03 -10.71
CA ARG A 218 -4.57 23.93 -10.71
C ARG A 218 -5.79 23.10 -11.07
N GLY A 219 -6.93 23.43 -10.50
CA GLY A 219 -8.16 22.73 -10.85
C GLY A 219 -8.08 21.28 -10.40
N PRO A 220 -8.42 20.34 -11.29
CA PRO A 220 -8.44 18.95 -10.92
C PRO A 220 -7.08 18.38 -10.61
N SER A 221 -6.04 18.89 -11.26
CA SER A 221 -4.69 18.41 -10.96
C SER A 221 -4.31 18.70 -9.50
N SER A 222 -5.01 19.64 -8.86
CA SER A 222 -4.81 19.96 -7.45
C SER A 222 -5.23 18.88 -6.46
N TYR A 223 -5.88 17.84 -6.96
CA TYR A 223 -6.29 16.73 -6.13
C TYR A 223 -5.19 15.70 -6.00
N TYR A 224 -4.20 15.74 -6.89
CA TYR A 224 -3.28 14.61 -7.03
C TYR A 224 -2.12 14.70 -6.05
N ASN A 225 -2.45 14.65 -4.76
CA ASN A 225 -1.43 14.62 -3.73
C ASN A 225 -1.95 14.08 -2.42
N VAL A 226 -1.01 13.68 -1.57
CA VAL A 226 -1.35 12.99 -0.33
C VAL A 226 -2.25 13.84 0.57
N GLU A 227 -1.93 15.13 0.76
CA GLU A 227 -2.69 16.00 1.68
C GLU A 227 -4.15 16.12 1.26
N TYR A 228 -4.37 16.28 -0.04
CA TYR A 228 -5.72 16.35 -0.55
C TYR A 228 -6.49 15.06 -0.32
N ALA A 229 -5.86 13.92 -0.63
CA ALA A 229 -6.54 12.62 -0.48
C ALA A 229 -7.01 12.41 0.94
N VAL A 230 -6.10 12.62 1.88
CA VAL A 230 -6.37 12.50 3.29
C VAL A 230 -7.52 13.40 3.70
N GLY A 231 -7.43 14.66 3.29
CA GLY A 231 -8.46 15.61 3.66
C GLY A 231 -9.83 15.21 3.11
N TYR A 232 -9.85 14.70 1.89
CA TYR A 232 -11.10 14.34 1.24
C TYR A 232 -11.81 13.17 1.93
N TRP A 233 -11.04 12.15 2.31
CA TRP A 233 -11.60 11.01 3.04
C TRP A 233 -12.24 11.43 4.35
N ILE A 234 -11.55 12.34 5.04
CA ILE A 234 -12.08 12.90 6.28
C ILE A 234 -13.37 13.67 6.00
N HIS A 235 -13.31 14.56 5.02
CA HIS A 235 -14.46 15.30 4.54
C HIS A 235 -15.66 14.39 4.21
N LYS A 236 -15.40 13.28 3.52
CA LYS A 236 -16.46 12.35 3.13
C LYS A 236 -17.02 11.53 4.31
N GLY A 237 -16.38 11.62 5.48
CA GLY A 237 -16.89 11.04 6.71
C GLY A 237 -16.04 9.97 7.37
N MET A 238 -14.84 9.71 6.86
CA MET A 238 -13.97 8.74 7.51
C MET A 238 -13.34 9.49 8.68
N PRO A 239 -13.53 8.99 9.92
CA PRO A 239 -12.84 9.56 11.06
C PRO A 239 -11.34 9.54 10.82
N SER A 240 -10.65 10.58 11.26
CA SER A 240 -9.22 10.74 10.95
C SER A 240 -8.41 9.58 11.50
N GLU A 241 -8.78 9.10 12.69
CA GLU A 241 -8.04 8.02 13.32
C GLU A 241 -8.25 6.65 12.64
N LYS A 242 -9.18 6.56 11.70
CA LYS A 242 -9.34 5.37 10.88
C LYS A 242 -8.65 5.50 9.53
N VAL A 243 -7.99 6.64 9.30
CA VAL A 243 -7.22 6.83 8.10
C VAL A 243 -5.78 6.41 8.41
N VAL A 244 -5.32 5.31 7.81
CA VAL A 244 -3.91 4.91 7.93
C VAL A 244 -3.25 5.24 6.60
N MET A 245 -2.27 6.14 6.64
CA MET A 245 -1.83 6.81 5.44
C MET A 245 -0.74 6.04 4.74
N GLY A 246 -1.00 5.64 3.51
CA GLY A 246 -0.02 4.90 2.74
C GLY A 246 1.19 5.74 2.35
N ILE A 247 2.36 5.11 2.50
CA ILE A 247 3.63 5.64 2.03
C ILE A 247 4.31 4.58 1.21
N PRO A 248 4.81 4.94 0.01
CA PRO A 248 5.49 3.97 -0.85
C PRO A 248 6.97 3.83 -0.56
N THR A 249 7.49 2.62 -0.74
CA THR A 249 8.92 2.36 -0.76
C THR A 249 9.47 2.18 -2.18
N TYR A 250 8.67 2.54 -3.17
CA TYR A 250 9.08 2.46 -4.55
C TYR A 250 8.93 3.86 -5.15
N GLY A 251 9.52 4.07 -6.31
CA GLY A 251 9.33 5.28 -7.06
C GLY A 251 8.88 4.97 -8.47
N HIS A 252 8.38 5.98 -9.17
CA HIS A 252 8.00 5.85 -10.58
C HIS A 252 9.03 6.57 -11.45
N SER A 253 9.42 5.90 -12.53
CA SER A 253 10.51 6.35 -13.38
C SER A 253 10.02 6.73 -14.77
N PHE A 254 10.75 7.64 -15.38
CA PHE A 254 10.48 8.09 -16.73
C PHE A 254 11.78 8.12 -17.54
N THR A 255 11.67 7.79 -18.81
CA THR A 255 12.70 8.13 -19.78
C THR A 255 12.31 9.49 -20.37
N LEU A 256 13.23 10.46 -20.30
CA LEU A 256 12.98 11.84 -20.70
C LEU A 256 13.04 11.97 -22.22
N ALA A 257 12.11 12.75 -22.77
CA ALA A 257 11.99 12.96 -24.21
C ALA A 257 12.83 14.14 -24.69
N SER A 258 13.09 15.10 -23.80
CA SER A 258 13.95 16.25 -24.15
C SER A 258 15.07 16.45 -23.13
N ALA A 259 15.69 17.63 -23.17
CA ALA A 259 16.70 17.96 -22.18
C ALA A 259 16.08 18.54 -20.92
N GLU A 260 14.82 18.96 -20.98
CA GLU A 260 14.12 19.46 -19.80
C GLU A 260 14.05 18.34 -18.75
N THR A 261 14.37 18.65 -17.50
CA THR A 261 14.43 17.62 -16.46
C THR A 261 13.52 17.92 -15.28
N THR A 262 12.62 18.88 -15.44
CA THR A 262 11.77 19.36 -14.39
C THR A 262 10.50 18.53 -14.26
N VAL A 263 9.68 18.88 -13.27
CA VAL A 263 8.36 18.29 -13.10
C VAL A 263 7.46 18.78 -14.23
N GLY A 264 6.91 17.84 -14.99
CA GLY A 264 6.02 18.18 -16.10
C GLY A 264 6.79 18.21 -17.41
N ALA A 265 8.06 17.79 -17.38
CA ALA A 265 8.89 17.72 -18.57
C ALA A 265 8.40 16.56 -19.41
N PRO A 266 8.52 16.64 -20.76
CA PRO A 266 8.03 15.55 -21.61
C PRO A 266 8.79 14.25 -21.40
N ALA A 267 8.05 13.15 -21.31
CA ALA A 267 8.65 11.81 -21.26
C ALA A 267 8.26 10.98 -22.49
N SER A 268 9.18 10.15 -22.96
CA SER A 268 8.93 9.24 -24.08
C SER A 268 8.43 7.86 -23.61
N GLY A 269 8.48 7.61 -22.31
CA GLY A 269 8.01 6.33 -21.75
C GLY A 269 8.45 6.12 -20.31
N PRO A 270 8.18 4.92 -19.76
CA PRO A 270 8.67 4.60 -18.43
C PRO A 270 10.17 4.55 -18.41
N GLY A 271 10.75 4.62 -17.22
CA GLY A 271 12.19 4.57 -17.12
C GLY A 271 12.69 3.17 -17.36
N ALA A 272 13.99 3.04 -17.53
CA ALA A 272 14.60 1.74 -17.66
C ALA A 272 14.23 0.88 -16.46
N ALA A 273 13.90 -0.37 -16.73
CA ALA A 273 13.63 -1.36 -15.68
C ALA A 273 14.79 -1.51 -14.73
N GLY A 274 14.49 -1.70 -13.44
CA GLY A 274 15.52 -2.04 -12.50
C GLY A 274 16.06 -3.44 -12.74
N PRO A 275 17.31 -3.69 -12.37
CA PRO A 275 17.97 -4.97 -12.55
C PRO A 275 17.31 -6.10 -11.77
N ILE A 276 16.66 -5.75 -10.66
CA ILE A 276 16.07 -6.75 -9.74
C ILE A 276 14.55 -6.85 -9.95
N THR A 277 13.88 -5.73 -10.07
CA THR A 277 12.43 -5.78 -10.17
C THR A 277 11.96 -5.93 -11.61
N GLU A 278 12.84 -5.60 -12.54
CA GLU A 278 12.60 -5.91 -13.96
C GLU A 278 11.23 -5.44 -14.45
N SER A 279 10.84 -4.22 -14.06
CA SER A 279 9.58 -3.64 -14.51
C SER A 279 9.70 -2.16 -14.82
N SER A 280 9.87 -1.84 -16.11
CA SER A 280 10.01 -0.44 -16.56
CA SER A 280 10.03 -0.45 -16.54
C SER A 280 8.90 0.39 -15.98
N GLY A 281 9.25 1.48 -15.31
CA GLY A 281 8.24 2.37 -14.74
C GLY A 281 8.35 2.49 -13.23
N PHE A 282 8.92 1.48 -12.57
CA PHE A 282 9.13 1.61 -11.12
C PHE A 282 10.46 1.04 -10.73
N LEU A 283 10.90 1.45 -9.55
CA LEU A 283 12.10 0.97 -8.96
C LEU A 283 11.81 0.79 -7.47
N ALA A 284 12.26 -0.31 -6.90
CA ALA A 284 12.21 -0.46 -5.45
C ALA A 284 13.28 0.46 -4.83
N TYR A 285 13.12 0.75 -3.54
CA TYR A 285 14.09 1.64 -2.89
C TYR A 285 15.50 1.11 -2.96
N TYR A 286 15.68 -0.20 -2.85
CA TYR A 286 17.02 -0.75 -2.91
C TYR A 286 17.68 -0.56 -4.30
N GLU A 287 16.88 -0.42 -5.33
CA GLU A 287 17.40 -0.12 -6.66
C GLU A 287 17.62 1.39 -6.79
N ILE A 288 16.74 2.16 -6.17
CA ILE A 288 16.88 3.61 -6.15
C ILE A 288 18.23 4.03 -5.56
N CYS A 289 18.68 3.39 -4.48
CA CYS A 289 19.95 3.78 -3.88
C CYS A 289 21.14 3.58 -4.84
N GLN A 290 21.05 2.55 -5.68
CA GLN A 290 22.04 2.39 -6.74
C GLN A 290 21.88 3.41 -7.86
N PHE A 291 20.63 3.80 -8.17
CA PHE A 291 20.38 4.80 -9.19
C PHE A 291 20.94 6.17 -8.79
N LEU A 292 20.80 6.51 -7.52
CA LEU A 292 21.21 7.82 -7.02
C LEU A 292 22.70 8.06 -7.14
N LYS A 293 23.49 6.99 -7.23
CA LYS A 293 24.92 7.11 -7.44
C LYS A 293 25.20 7.78 -8.79
N GLY A 294 25.60 9.04 -8.75
CA GLY A 294 25.90 9.80 -9.96
C GLY A 294 24.72 10.60 -10.45
N ALA A 295 23.66 10.67 -9.64
CA ALA A 295 22.45 11.41 -10.01
C ALA A 295 22.43 12.77 -9.37
N LYS A 296 21.57 13.63 -9.89
CA LYS A 296 21.27 14.90 -9.27
C LYS A 296 19.91 14.85 -8.66
N ILE A 297 19.83 15.20 -7.38
CA ILE A 297 18.58 15.13 -6.62
C ILE A 297 18.06 16.50 -6.29
N THR A 298 16.78 16.70 -6.53
CA THR A 298 16.09 17.91 -6.21
C THR A 298 15.00 17.62 -5.21
N TRP A 299 14.92 18.43 -4.17
CA TRP A 299 13.83 18.37 -3.21
C TRP A 299 12.83 19.43 -3.58
N LEU A 300 11.62 18.99 -3.91
CA LEU A 300 10.53 19.89 -4.25
C LEU A 300 9.96 20.59 -3.04
N GLN A 301 10.19 21.89 -2.94
CA GLN A 301 9.66 22.68 -1.82
CA GLN A 301 9.66 22.67 -1.81
C GLN A 301 8.15 22.77 -1.82
N ASP A 302 7.57 22.71 -3.02
CA ASP A 302 6.13 22.82 -3.16
C ASP A 302 5.45 21.53 -2.77
N GLN A 303 6.01 20.41 -3.18
CA GLN A 303 5.36 19.09 -3.02
C GLN A 303 5.93 18.24 -1.87
N GLN A 304 7.09 18.65 -1.34
CA GLN A 304 7.69 18.05 -0.14
C GLN A 304 8.20 16.62 -0.33
N VAL A 305 8.78 16.35 -1.49
CA VAL A 305 9.36 15.06 -1.83
C VAL A 305 10.48 15.25 -2.83
N PRO A 306 11.39 14.27 -2.95
CA PRO A 306 12.44 14.42 -3.92
C PRO A 306 12.20 13.79 -5.29
N TYR A 307 12.89 14.29 -6.30
CA TYR A 307 13.14 13.48 -7.51
C TYR A 307 14.60 13.56 -7.89
N ALA A 308 15.05 12.58 -8.67
CA ALA A 308 16.45 12.46 -9.09
C ALA A 308 16.53 12.23 -10.61
N VAL A 309 17.57 12.80 -11.22
CA VAL A 309 17.79 12.69 -12.67
C VAL A 309 19.19 12.15 -12.90
N LYS A 310 19.32 11.14 -13.75
CA LYS A 310 20.62 10.71 -14.22
C LYS A 310 20.51 10.32 -15.70
N GLY A 311 21.28 11.03 -16.53
CA GLY A 311 21.14 10.88 -17.99
C GLY A 311 19.71 11.21 -18.40
N ASN A 312 19.08 10.37 -19.22
CA ASN A 312 17.70 10.59 -19.62
C ASN A 312 16.66 9.95 -18.65
N GLN A 313 17.12 9.56 -17.47
CA GLN A 313 16.26 8.90 -16.48
C GLN A 313 15.87 9.86 -15.36
N TRP A 314 14.58 9.89 -15.06
CA TRP A 314 13.96 10.75 -14.06
C TRP A 314 13.16 9.84 -13.12
N VAL A 315 13.46 9.89 -11.83
CA VAL A 315 12.81 9.02 -10.83
C VAL A 315 12.21 9.88 -9.73
N GLY A 316 10.90 9.80 -9.54
CA GLY A 316 10.24 10.44 -8.41
C GLY A 316 10.07 9.38 -7.32
N TYR A 317 10.56 9.66 -6.12
CA TYR A 317 10.62 8.64 -5.07
C TYR A 317 10.47 9.24 -3.68
N ASP A 318 10.46 8.38 -2.66
CA ASP A 318 10.34 8.80 -1.27
C ASP A 318 11.58 8.36 -0.49
N ASP A 319 12.14 9.27 0.29
CA ASP A 319 13.34 8.96 1.07
C ASP A 319 13.07 9.23 2.54
N VAL A 320 14.14 9.18 3.35
CA VAL A 320 14.02 9.35 4.77
C VAL A 320 13.46 10.71 5.12
N LYS A 321 13.90 11.75 4.42
CA LYS A 321 13.33 13.08 4.63
C LYS A 321 11.85 13.05 4.37
N SER A 322 11.43 12.39 3.28
N SER A 322 11.43 12.37 3.28
CA SER A 322 9.99 12.30 3.01
CA SER A 322 9.99 12.28 2.98
C SER A 322 9.26 11.52 4.10
C SER A 322 9.23 11.47 4.03
N MET A 323 9.86 10.42 4.57
CA MET A 323 9.26 9.64 5.65
C MET A 323 8.95 10.53 6.85
N GLU A 324 9.95 11.26 7.32
CA GLU A 324 9.75 12.07 8.52
C GLU A 324 8.76 13.19 8.27
N THR A 325 8.79 13.77 7.08
CA THR A 325 7.87 14.85 6.74
C THR A 325 6.40 14.35 6.68
N LYS A 326 6.18 13.18 6.09
CA LYS A 326 4.84 12.61 6.02
C LYS A 326 4.33 12.13 7.37
N VAL A 327 5.22 11.66 8.22
CA VAL A 327 4.81 11.25 9.55
C VAL A 327 4.42 12.48 10.37
N GLN A 328 5.18 13.57 10.27
CA GLN A 328 4.78 14.78 11.00
C GLN A 328 3.40 15.21 10.54
N PHE A 329 3.16 15.14 9.23
CA PHE A 329 1.85 15.49 8.66
C PHE A 329 0.74 14.62 9.23
N LEU A 330 0.94 13.31 9.23
CA LEU A 330 -0.15 12.41 9.66
C LEU A 330 -0.48 12.65 11.13
N LYS A 331 0.56 12.94 11.91
CA LYS A 331 0.36 13.26 13.32
C LYS A 331 -0.41 14.56 13.53
N ASN A 332 -0.05 15.59 12.77
CA ASN A 332 -0.77 16.87 12.82
C ASN A 332 -2.25 16.74 12.52
N LEU A 333 -2.57 15.83 11.60
CA LEU A 333 -3.96 15.60 11.18
C LEU A 333 -4.66 14.52 12.00
N ASN A 334 -3.97 14.00 13.02
CA ASN A 334 -4.52 12.97 13.91
C ASN A 334 -5.00 11.72 13.17
N LEU A 335 -4.19 11.28 12.23
CA LEU A 335 -4.48 10.07 11.50
C LEU A 335 -4.19 8.87 12.36
N GLY A 336 -4.63 7.70 11.89
CA GLY A 336 -4.48 6.47 12.63
C GLY A 336 -3.06 5.95 12.64
N GLY A 337 -2.26 6.40 11.66
CA GLY A 337 -0.89 5.94 11.52
C GLY A 337 -0.48 5.89 10.08
N ALA A 338 0.58 5.12 9.81
CA ALA A 338 1.16 5.00 8.47
C ALA A 338 1.03 3.58 7.97
N MET A 339 0.88 3.46 6.66
CA MET A 339 0.90 2.16 6.02
C MET A 339 2.02 2.15 5.01
N ILE A 340 2.63 0.99 4.80
CA ILE A 340 3.73 0.89 3.88
C ILE A 340 3.44 -0.07 2.74
N TRP A 341 3.60 0.42 1.51
CA TRP A 341 3.58 -0.43 0.36
C TRP A 341 4.93 -0.31 -0.34
N SER A 342 5.80 -1.32 -0.20
CA SER A 342 5.59 -2.46 0.65
C SER A 342 6.95 -2.73 1.28
N ILE A 343 6.98 -3.46 2.39
CA ILE A 343 8.26 -3.57 3.12
C ILE A 343 9.34 -4.33 2.40
N ASP A 344 8.93 -5.22 1.49
CA ASP A 344 9.86 -5.93 0.67
C ASP A 344 10.48 -5.14 -0.50
N MET A 345 10.12 -3.88 -0.63
CA MET A 345 10.79 -2.98 -1.54
C MET A 345 11.64 -1.93 -0.81
N ASP A 346 11.53 -1.86 0.52
CA ASP A 346 12.51 -1.09 1.32
C ASP A 346 13.82 -1.87 1.20
N ASP A 347 14.93 -1.27 1.60
CA ASP A 347 16.19 -2.01 1.60
C ASP A 347 16.24 -2.91 2.83
N PHE A 348 15.46 -3.98 2.80
CA PHE A 348 15.28 -4.84 3.96
C PHE A 348 16.56 -5.55 4.42
N THR A 349 17.48 -5.84 3.51
CA THR A 349 18.75 -6.49 3.90
C THR A 349 19.74 -5.45 4.41
N GLY A 350 19.50 -4.19 4.07
CA GLY A 350 20.42 -3.12 4.41
C GLY A 350 21.68 -3.13 3.57
N LYS A 351 21.79 -4.07 2.62
CA LYS A 351 23.00 -4.22 1.80
C LYS A 351 23.09 -3.26 0.63
N SER A 352 22.02 -2.53 0.33
CA SER A 352 22.08 -1.68 -0.85
C SER A 352 22.29 -0.18 -0.58
N CYS A 353 21.68 0.36 0.48
CA CYS A 353 21.62 1.81 0.70
C CYS A 353 22.59 2.32 1.76
N ASN A 354 23.24 1.41 2.45
CA ASN A 354 24.16 1.82 3.50
C ASN A 354 23.48 2.69 4.55
N GLN A 355 22.27 2.26 4.92
CA GLN A 355 21.51 2.94 5.98
C GLN A 355 20.94 1.95 6.99
N GLY A 356 21.48 0.74 7.02
CA GLY A 356 20.91 -0.35 7.79
C GLY A 356 19.63 -0.95 7.20
N PRO A 357 19.14 -2.04 7.82
CA PRO A 357 17.92 -2.74 7.45
C PRO A 357 16.68 -1.84 7.53
N TYR A 358 15.85 -1.95 6.51
CA TYR A 358 14.61 -1.17 6.43
C TYR A 358 14.82 0.29 6.78
N PRO A 359 15.62 1.01 5.98
CA PRO A 359 15.94 2.41 6.32
C PRO A 359 14.73 3.29 6.28
N LEU A 360 13.84 3.03 5.32
CA LEU A 360 12.62 3.84 5.22
C LEU A 360 11.66 3.50 6.33
N VAL A 361 11.34 2.22 6.48
CA VAL A 361 10.35 1.84 7.48
C VAL A 361 10.81 2.15 8.91
N GLN A 362 12.09 1.99 9.16
CA GLN A 362 12.65 2.30 10.47
C GLN A 362 12.53 3.81 10.77
N ALA A 363 12.71 4.64 9.75
CA ALA A 363 12.53 6.07 9.89
C ALA A 363 11.10 6.40 10.22
N VAL A 364 10.17 5.73 9.53
CA VAL A 364 8.74 5.90 9.86
C VAL A 364 8.47 5.50 11.31
N LYS A 365 8.98 4.35 11.71
CA LYS A 365 8.81 3.89 13.08
C LYS A 365 9.41 4.88 14.08
N ARG A 366 10.64 5.31 13.84
CA ARG A 366 11.30 6.20 14.77
C ARG A 366 10.54 7.50 14.84
N SER A 367 10.08 8.00 13.70
CA SER A 367 9.35 9.26 13.68
C SER A 367 7.99 9.16 14.35
N LEU A 368 7.29 8.05 14.16
CA LEU A 368 6.03 7.85 14.87
C LEU A 368 6.23 7.74 16.36
N GLY A 369 7.30 7.10 16.82
CA GLY A 369 7.54 6.94 18.25
C GLY A 369 8.13 8.16 18.94
N SER A 370 8.50 9.17 18.17
CA SER A 370 9.12 10.36 18.73
C SER A 370 8.08 11.23 19.38
N LEU A 371 8.38 11.68 20.60
CA LEU A 371 7.56 12.67 21.30
C LEU A 371 8.01 14.04 20.80
C1 NDG B . -2.82 2.20 -9.76
C2 NDG B . -1.59 1.32 -9.94
C3 NDG B . -1.69 0.07 -9.07
C4 NDG B . -2.00 0.44 -7.61
C5 NDG B . -3.17 1.42 -7.50
C6 NDG B . -3.25 2.13 -6.16
C7 NDG B . -0.35 0.95 -12.03
C8 NDG B . -0.46 0.31 -13.39
O5 NDG B . -3.03 2.53 -8.39
O3 NDG B . -0.47 -0.68 -9.20
O4 NDG B . -2.28 -0.76 -6.88
O6 NDG B . -4.42 2.93 -6.16
O7 NDG B . 0.69 1.39 -11.62
N2 NDG B . -1.48 0.95 -11.33
O1 NDG B . -3.99 1.54 -10.27
C1 NAG B . -2.00 -0.71 -5.47
C2 NAG B . -2.06 -2.15 -4.97
C3 NAG B . -0.90 -3.02 -5.45
C4 NAG B . 0.18 -2.21 -6.19
C5 NAG B . 0.42 -0.91 -5.39
C6 NAG B . 1.52 -0.03 -6.00
C7 NAG B . -3.02 -2.68 -2.79
C8 NAG B . -2.86 -2.64 -1.31
N2 NAG B . -2.06 -2.13 -3.53
O3 NAG B . -1.42 -4.06 -6.30
O4 NAG B . 1.37 -2.93 -6.32
O5 NAG B . -0.75 -0.12 -5.14
O6 NAG B . 1.31 0.23 -7.37
O7 NAG B . -4.04 -3.22 -3.25
C1 NAG B . 1.44 -3.69 -7.53
C2 NAG B . 2.92 -3.96 -7.84
C3 NAG B . 3.09 -4.97 -8.95
C4 NAG B . 2.23 -6.19 -8.70
C5 NAG B . 0.80 -5.80 -8.40
C6 NAG B . -0.10 -6.95 -8.05
C7 NAG B . 4.50 -2.21 -7.19
C8 NAG B . 5.28 -1.03 -7.64
N2 NAG B . 3.68 -2.76 -8.11
O3 NAG B . 4.45 -5.39 -9.11
O4 NAG B . 2.24 -7.06 -9.82
O5 NAG B . 0.72 -4.88 -7.33
O6 NAG B . -1.43 -6.45 -7.93
O7 NAG B . 4.65 -2.65 -6.04
C1 NAG B . 3.27 -8.04 -9.61
C2 NAG B . 2.88 -9.51 -9.86
C3 NAG B . 4.14 -10.38 -10.02
C4 NAG B . 5.21 -9.72 -10.89
C5 NAG B . 5.43 -8.30 -10.40
C6 NAG B . 6.30 -7.32 -11.18
C7 NAG B . 0.88 -10.59 -8.94
C8 NAG B . 0.03 -10.92 -7.75
N2 NAG B . 2.03 -9.92 -8.75
O3 NAG B . 3.81 -11.68 -10.50
O4 NAG B . 6.38 -10.47 -10.74
O5 NAG B . 4.20 -7.70 -10.57
O6 NAG B . 6.07 -7.46 -12.56
O7 NAG B . 0.49 -10.94 -10.05
S SO4 C . -6.20 25.41 -6.81
O1 SO4 C . -6.86 25.91 -5.58
O2 SO4 C . -7.17 24.62 -7.62
O3 SO4 C . -5.69 26.53 -7.64
O4 SO4 C . -5.07 24.54 -6.42
S SO4 D . -27.80 -10.13 -4.16
O1 SO4 D . -27.97 -9.96 -2.70
O2 SO4 D . -27.94 -11.58 -4.45
O3 SO4 D . -28.85 -9.41 -4.90
O4 SO4 D . -26.47 -9.70 -4.66
S SO4 E . 16.86 3.58 17.02
O1 SO4 E . 17.70 3.04 18.11
O2 SO4 E . 15.44 3.35 17.40
O3 SO4 E . 17.16 2.85 15.78
O4 SO4 E . 17.05 5.05 16.85
S SO4 F . -10.99 -5.81 -14.27
O1 SO4 F . -10.53 -6.99 -13.48
O2 SO4 F . -12.36 -5.93 -14.83
O3 SO4 F . -10.90 -4.67 -13.33
O4 SO4 F . -10.06 -5.64 -15.42
S SO4 G . -5.26 -15.06 -8.90
O1 SO4 G . -5.48 -14.66 -7.50
O2 SO4 G . -6.50 -15.69 -9.40
O3 SO4 G . -4.14 -16.03 -9.00
O4 SO4 G . -5.02 -13.88 -9.72
#